data_3NTE
#
_entry.id   3NTE
#
_cell.length_a   47.910
_cell.length_b   86.532
_cell.length_c   55.589
_cell.angle_alpha   90.000
_cell.angle_beta   99.730
_cell.angle_gamma   90.000
#
_symmetry.space_group_name_H-M   'P 1 21 1'
#
loop_
_entity.id
_entity.type
_entity.pdbx_description
1 polymer 'HIV-1 capsid protein'
2 non-polymer 'IODIDE ION'
3 non-polymer 'Tri-iodode Anion'
4 non-polymer 'FE (III) ION'
5 non-polymer 'SODIUM ION'
6 water water
#
_entity_poly.entity_id   1
_entity_poly.type   'polypeptide(L)'
_entity_poly.pdbx_seq_one_letter_code
;PIVQNIQGQMVHQAISPRTLNAWVKVVEEKAFSPEVIPMFSALSEGATPQDLNTMLNTVGGHQAAMQMLKETINEEAAEW
DRVHPVHAGPIAPGQMREPRGSDIAGTTSTLQEQIGWMTNNPPIPVGEIYKRWIILGLNKIVRMYSPTSILDIRQGPKEP
FRDYVDRFYKTLRAEQASQEVKNWMTETLLVQNANPDCKTILKALGPAATLEEMMTACQGV
;
_entity_poly.pdbx_strand_id   A,B
#
loop_
_chem_comp.id
_chem_comp.type
_chem_comp.name
_chem_comp.formula
FE non-polymer 'FE (III) ION' 'Fe 3'
I3M non-polymer 'Tri-iodode Anion' 'I3 -1'
IOD non-polymer 'IODIDE ION' 'I -1'
NA non-polymer 'SODIUM ION' 'Na 1'
#
# COMPACT_ATOMS: atom_id res chain seq x y z
N PRO A 1 19.66 5.57 -18.71
CA PRO A 1 20.70 5.49 -17.68
C PRO A 1 22.09 5.54 -18.31
N ILE A 2 22.95 4.60 -17.91
CA ILE A 2 24.37 4.65 -18.26
C ILE A 2 24.87 3.33 -18.86
N VAL A 3 25.58 3.45 -19.98
CA VAL A 3 26.10 2.30 -20.72
C VAL A 3 27.52 2.60 -21.22
N GLN A 4 28.32 1.56 -21.43
CA GLN A 4 29.70 1.75 -21.84
C GLN A 4 29.91 1.50 -23.33
N ASN A 5 30.57 2.43 -24.01
CA ASN A 5 31.00 2.25 -25.41
C ASN A 5 31.95 1.09 -25.55
N ILE A 6 32.10 0.60 -26.77
CA ILE A 6 33.19 -0.32 -27.08
C ILE A 6 34.53 0.43 -26.95
N GLN A 7 34.47 1.76 -27.03
CA GLN A 7 35.67 2.56 -26.82
C GLN A 7 35.89 2.92 -25.34
N GLY A 8 35.03 2.39 -24.46
CA GLY A 8 35.27 2.43 -23.03
C GLY A 8 34.66 3.55 -22.22
N GLN A 9 34.06 4.52 -22.90
CA GLN A 9 33.44 5.65 -22.23
C GLN A 9 32.07 5.26 -21.67
N MET A 10 31.75 5.78 -20.49
CA MET A 10 30.39 5.69 -19.96
C MET A 10 29.56 6.80 -20.59
N VAL A 11 28.55 6.41 -21.34
CA VAL A 11 27.72 7.37 -22.04
C VAL A 11 26.28 7.19 -21.59
N HIS A 12 25.45 8.18 -21.92
CA HIS A 12 24.05 8.16 -21.54
C HIS A 12 23.18 7.51 -22.60
N GLN A 13 22.28 6.63 -22.15
CA GLN A 13 21.23 6.07 -22.98
C GLN A 13 19.87 6.51 -22.44
N ALA A 14 19.07 7.21 -23.25
CA ALA A 14 17.73 7.59 -22.80
C ALA A 14 16.90 6.38 -22.32
N ILE A 15 16.01 6.61 -21.37
CA ILE A 15 15.07 5.58 -20.92
C ILE A 15 14.28 5.08 -22.12
N SER A 16 14.07 3.76 -22.20
CA SER A 16 13.31 3.20 -23.31
C SER A 16 11.88 3.72 -23.31
N PRO A 17 11.33 3.94 -24.50
CA PRO A 17 9.93 4.34 -24.62
C PRO A 17 8.99 3.32 -23.98
N ARG A 18 9.42 2.07 -23.91
CA ARG A 18 8.59 1.05 -23.28
C ARG A 18 8.66 1.12 -21.75
N THR A 19 9.81 1.48 -21.20
CA THR A 19 9.87 1.70 -19.77
C THR A 19 9.01 2.92 -19.45
N LEU A 20 9.19 4.01 -20.22
CA LEU A 20 8.37 5.20 -20.02
C LEU A 20 6.87 4.92 -20.15
N ASN A 21 6.48 4.15 -21.16
CA ASN A 21 5.05 3.87 -21.34
C ASN A 21 4.48 3.06 -20.18
N ALA A 22 5.29 2.15 -19.65
CA ALA A 22 4.90 1.36 -18.48
C ALA A 22 4.67 2.26 -17.27
N TRP A 23 5.62 3.14 -16.99
CA TRP A 23 5.50 4.07 -15.88
C TRP A 23 4.25 4.93 -16.02
N VAL A 24 3.97 5.41 -17.22
CA VAL A 24 2.78 6.24 -17.40
CA VAL A 24 2.78 6.23 -17.46
C VAL A 24 1.50 5.42 -17.23
N LYS A 25 1.57 4.14 -17.52
CA LYS A 25 0.43 3.25 -17.36
C LYS A 25 0.21 3.00 -15.88
N VAL A 26 1.30 2.75 -15.15
CA VAL A 26 1.20 2.58 -13.71
C VAL A 26 0.49 3.75 -13.00
N VAL A 27 0.90 4.97 -13.34
CA VAL A 27 0.29 6.14 -12.75
C VAL A 27 -1.18 6.27 -13.14
N GLU A 28 -1.48 6.07 -14.42
CA GLU A 28 -2.86 6.14 -14.91
C GLU A 28 -3.76 5.19 -14.12
N GLU A 29 -3.28 3.96 -13.96
CA GLU A 29 -4.09 2.88 -13.39
C GLU A 29 -4.04 2.87 -11.86
N LYS A 30 -2.84 3.05 -11.30
CA LYS A 30 -2.67 2.98 -9.85
C LYS A 30 -2.72 4.36 -9.22
N ALA A 31 -3.71 5.15 -9.61
CA ALA A 31 -3.94 6.49 -9.04
C ALA A 31 -2.86 6.88 -8.04
N PHE A 32 -3.20 6.81 -6.76
CA PHE A 32 -2.27 7.20 -5.69
C PHE A 32 -2.03 6.07 -4.68
N SER A 33 -1.98 4.85 -5.18
CA SER A 33 -1.81 3.66 -4.35
C SER A 33 -0.38 3.59 -3.85
N PRO A 34 -0.16 3.02 -2.64
CA PRO A 34 1.16 2.66 -2.13
C PRO A 34 1.91 1.83 -3.17
N GLU A 35 1.16 1.09 -4.00
CA GLU A 35 1.73 0.28 -5.08
C GLU A 35 2.57 1.07 -6.11
N VAL A 36 2.30 2.37 -6.24
CA VAL A 36 3.05 3.17 -7.20
C VAL A 36 4.53 3.24 -6.83
N ILE A 37 4.81 3.28 -5.53
CA ILE A 37 6.17 3.55 -5.06
C ILE A 37 7.16 2.44 -5.42
N PRO A 38 6.84 1.18 -5.06
CA PRO A 38 7.68 0.06 -5.48
C PRO A 38 7.84 -0.03 -7.00
N MET A 39 6.78 0.27 -7.75
CA MET A 39 6.87 0.25 -9.21
C MET A 39 7.81 1.33 -9.69
N PHE A 40 7.65 2.53 -9.14
CA PHE A 40 8.50 3.65 -9.54
C PHE A 40 9.95 3.27 -9.35
N SER A 41 10.24 2.59 -8.26
CA SER A 41 11.60 2.24 -7.91
C SER A 41 12.17 1.21 -8.88
N ALA A 42 11.36 0.20 -9.23
CA ALA A 42 11.75 -0.82 -10.19
C ALA A 42 12.02 -0.21 -11.57
N LEU A 43 11.11 0.64 -12.02
CA LEU A 43 11.18 1.21 -13.35
C LEU A 43 12.35 2.22 -13.49
N SER A 44 12.71 2.87 -12.38
CA SER A 44 13.75 3.91 -12.41
C SER A 44 15.15 3.39 -12.08
N GLU A 45 15.33 2.07 -12.13
CA GLU A 45 16.63 1.46 -11.88
CA GLU A 45 16.63 1.48 -11.85
C GLU A 45 17.70 2.02 -12.81
N GLY A 46 18.82 2.47 -12.25
CA GLY A 46 19.92 3.02 -13.04
C GLY A 46 19.75 4.44 -13.57
N ALA A 47 18.59 5.05 -13.33
CA ALA A 47 18.28 6.38 -13.87
C ALA A 47 19.22 7.47 -13.37
N THR A 48 19.68 8.31 -14.29
CA THR A 48 20.34 9.56 -13.91
C THR A 48 19.28 10.58 -13.51
N PRO A 49 19.69 11.70 -12.87
CA PRO A 49 18.73 12.76 -12.58
C PRO A 49 17.94 13.22 -13.82
N GLN A 50 18.62 13.38 -14.96
CA GLN A 50 17.89 13.68 -16.18
C GLN A 50 16.78 12.68 -16.50
N ASP A 51 17.08 11.38 -16.42
CA ASP A 51 16.08 10.34 -16.64
C ASP A 51 14.91 10.46 -15.65
N LEU A 52 15.20 10.72 -14.39
CA LEU A 52 14.14 10.81 -13.41
C LEU A 52 13.21 11.97 -13.74
N ASN A 53 13.78 13.08 -14.22
CA ASN A 53 12.94 14.21 -14.56
C ASN A 53 12.10 13.93 -15.79
N THR A 54 12.66 13.15 -16.70
CA THR A 54 11.95 12.66 -17.86
C THR A 54 10.72 11.83 -17.45
N MET A 55 10.88 10.95 -16.48
CA MET A 55 9.74 10.16 -16.01
C MET A 55 8.66 11.07 -15.40
N LEU A 56 9.08 12.11 -14.71
CA LEU A 56 8.14 12.99 -14.01
C LEU A 56 7.39 13.90 -14.97
N ASN A 57 8.06 14.39 -16.00
CA ASN A 57 7.41 15.19 -17.03
C ASN A 57 6.29 14.44 -17.71
N THR A 58 6.45 13.11 -17.77
CA THR A 58 5.47 12.23 -18.39
C THR A 58 4.16 12.13 -17.56
N VAL A 59 4.25 12.32 -16.25
CA VAL A 59 3.04 12.32 -15.42
C VAL A 59 2.79 13.69 -14.77
N GLY A 60 3.29 14.74 -15.40
CA GLY A 60 3.20 16.08 -14.85
C GLY A 60 1.81 16.70 -14.77
N GLY A 61 0.87 16.19 -15.56
CA GLY A 61 -0.51 16.68 -15.54
C GLY A 61 -1.13 16.60 -14.15
N HIS A 62 -0.63 15.72 -13.31
CA HIS A 62 -1.06 15.66 -11.91
C HIS A 62 -0.44 16.82 -11.15
N GLN A 63 -1.05 17.99 -11.27
CA GLN A 63 -0.42 19.21 -10.80
C GLN A 63 -0.32 19.34 -9.28
N ALA A 64 -1.33 18.86 -8.56
CA ALA A 64 -1.27 18.93 -7.10
C ALA A 64 -0.18 18.00 -6.57
N ALA A 65 -0.03 16.83 -7.20
CA ALA A 65 1.04 15.91 -6.84
C ALA A 65 2.42 16.47 -7.22
N MET A 66 2.55 17.01 -8.43
CA MET A 66 3.81 17.62 -8.84
C MET A 66 4.22 18.75 -7.90
N GLN A 67 3.24 19.51 -7.43
CA GLN A 67 3.52 20.58 -6.47
C GLN A 67 4.07 19.99 -5.18
N MET A 68 3.46 18.91 -4.68
CA MET A 68 3.98 18.22 -3.51
C MET A 68 5.42 17.68 -3.68
N LEU A 69 5.72 17.13 -4.86
CA LEU A 69 7.07 16.67 -5.17
C LEU A 69 8.07 17.82 -5.19
N LYS A 70 7.69 18.94 -5.81
CA LYS A 70 8.52 20.15 -5.84
C LYS A 70 8.95 20.59 -4.43
N GLU A 71 7.99 20.68 -3.53
CA GLU A 71 8.26 21.11 -2.17
C GLU A 71 9.17 20.16 -1.41
N THR A 72 8.94 18.86 -1.59
CA THR A 72 9.82 17.84 -0.99
C THR A 72 11.23 17.97 -1.54
N ILE A 73 11.33 18.10 -2.86
CA ILE A 73 12.62 18.17 -3.52
C ILE A 73 13.36 19.42 -3.05
N ASN A 74 12.65 20.54 -2.98
CA ASN A 74 13.29 21.76 -2.51
C ASN A 74 13.77 21.62 -1.07
N GLU A 75 13.00 20.93 -0.25
CA GLU A 75 13.37 20.72 1.16
C GLU A 75 14.60 19.85 1.31
N GLU A 76 14.62 18.72 0.61
CA GLU A 76 15.75 17.80 0.71
C GLU A 76 17.01 18.42 0.10
N ALA A 77 16.85 19.12 -1.00
CA ALA A 77 17.99 19.81 -1.62
C ALA A 77 18.58 20.81 -0.66
N ALA A 78 17.71 21.50 0.08
CA ALA A 78 18.16 22.50 1.05
C ALA A 78 18.95 21.86 2.19
N GLU A 79 18.51 20.70 2.65
CA GLU A 79 19.25 19.99 3.68
C GLU A 79 20.57 19.42 3.16
N TRP A 80 20.56 18.87 1.95
CA TRP A 80 21.80 18.42 1.33
C TRP A 80 22.84 19.55 1.39
N ASP A 81 22.44 20.74 0.96
CA ASP A 81 23.35 21.88 0.95
C ASP A 81 23.86 22.25 2.34
N ARG A 82 23.03 22.06 3.35
CA ARG A 82 23.44 22.33 4.73
C ARG A 82 24.50 21.32 5.14
N VAL A 83 24.31 20.07 4.74
CA VAL A 83 25.26 19.01 5.07
C VAL A 83 26.50 19.09 4.16
N HIS A 84 26.34 19.66 2.98
CA HIS A 84 27.43 19.76 2.01
C HIS A 84 27.69 21.22 1.61
N PRO A 85 28.30 21.99 2.50
CA PRO A 85 28.56 23.41 2.26
C PRO A 85 29.48 23.62 1.06
N VAL A 86 29.26 24.69 0.29
CA VAL A 86 30.13 24.99 -0.84
C VAL A 86 31.56 25.28 -0.37
N HIS A 87 32.53 24.77 -1.11
CA HIS A 87 33.93 24.98 -0.79
C HIS A 87 34.62 25.62 -1.98
N ALA A 88 35.07 26.86 -1.80
CA ALA A 88 35.51 27.70 -2.91
C ALA A 88 36.91 27.38 -3.46
N GLY A 89 37.75 26.71 -2.66
CA GLY A 89 39.11 26.40 -3.05
C GLY A 89 39.26 25.68 -4.39
N PRO A 90 40.50 25.57 -4.90
CA PRO A 90 40.74 24.88 -6.17
C PRO A 90 40.44 23.39 -5.99
N ILE A 91 40.13 22.69 -7.08
CA ILE A 91 39.88 21.25 -7.02
C ILE A 91 41.13 20.52 -7.48
N ALA A 92 41.62 19.60 -6.66
CA ALA A 92 42.83 18.86 -7.00
C ALA A 92 42.58 18.03 -8.26
N PRO A 93 43.63 17.76 -9.04
CA PRO A 93 43.46 17.07 -10.31
C PRO A 93 42.81 15.69 -10.19
N GLY A 94 42.79 15.15 -8.98
CA GLY A 94 42.26 13.80 -8.74
C GLY A 94 41.01 13.81 -7.88
N GLN A 95 40.45 15.00 -7.70
CA GLN A 95 39.20 15.16 -6.97
C GLN A 95 38.10 15.53 -7.96
N MET A 96 36.87 15.53 -7.47
CA MET A 96 35.73 15.96 -8.27
C MET A 96 34.84 16.86 -7.43
N ARG A 97 34.46 18.00 -7.98
CA ARG A 97 33.61 18.92 -7.24
C ARG A 97 32.34 18.19 -6.84
N GLU A 98 31.92 18.35 -5.59
CA GLU A 98 30.73 17.69 -5.07
C GLU A 98 29.47 18.32 -5.65
N PRO A 99 28.40 17.52 -5.81
CA PRO A 99 27.18 18.11 -6.36
C PRO A 99 26.45 18.96 -5.31
N ARG A 100 25.73 19.97 -5.77
CA ARG A 100 24.85 20.75 -4.90
C ARG A 100 23.49 20.10 -4.98
N GLY A 101 22.54 20.59 -4.19
CA GLY A 101 21.20 20.04 -4.19
C GLY A 101 20.60 20.16 -5.58
N SER A 102 20.76 21.31 -6.20
CA SER A 102 20.22 21.55 -7.53
C SER A 102 20.93 20.72 -8.59
N ASP A 103 22.18 20.33 -8.34
CA ASP A 103 22.89 19.45 -9.28
C ASP A 103 22.25 18.05 -9.26
N ILE A 104 21.89 17.61 -8.07
CA ILE A 104 21.24 16.32 -7.85
C ILE A 104 19.83 16.25 -8.45
N ALA A 105 19.11 17.36 -8.34
CA ALA A 105 17.77 17.44 -8.93
C ALA A 105 17.87 17.65 -10.44
N GLY A 106 19.08 17.79 -10.95
CA GLY A 106 19.29 17.92 -12.38
C GLY A 106 19.15 19.34 -12.92
N THR A 107 18.85 20.27 -12.02
CA THR A 107 18.53 21.63 -12.42
C THR A 107 19.77 22.41 -12.86
N THR A 108 20.84 22.31 -12.09
CA THR A 108 22.05 23.04 -12.40
C THR A 108 23.17 22.15 -12.90
N SER A 109 22.86 20.90 -13.23
CA SER A 109 23.91 20.00 -13.69
C SER A 109 23.64 19.41 -15.07
N THR A 110 24.72 19.00 -15.73
CA THR A 110 24.61 18.44 -17.06
C THR A 110 24.62 16.93 -16.97
N LEU A 111 24.18 16.28 -18.05
CA LEU A 111 24.14 14.84 -18.10
C LEU A 111 25.58 14.34 -17.91
N GLN A 112 26.51 15.00 -18.58
CA GLN A 112 27.91 14.60 -18.48
C GLN A 112 28.38 14.63 -17.02
N GLU A 113 28.00 15.68 -16.29
CA GLU A 113 28.35 15.80 -14.87
C GLU A 113 27.67 14.71 -14.03
N GLN A 114 26.43 14.41 -14.36
CA GLN A 114 25.68 13.39 -13.63
C GLN A 114 26.37 12.05 -13.80
N ILE A 115 26.76 11.75 -15.04
CA ILE A 115 27.45 10.51 -15.32
C ILE A 115 28.82 10.46 -14.67
N GLY A 116 29.54 11.59 -14.68
CA GLY A 116 30.81 11.69 -14.02
C GLY A 116 30.70 11.40 -12.53
N TRP A 117 29.62 11.86 -11.91
CA TRP A 117 29.44 11.62 -10.48
C TRP A 117 29.08 10.16 -10.22
N MET A 118 28.06 9.69 -10.93
CA MET A 118 27.55 8.32 -10.81
C MET A 118 28.59 7.22 -11.01
N THR A 119 29.55 7.43 -11.92
CA THR A 119 30.53 6.39 -12.24
C THR A 119 31.91 6.65 -11.64
N ASN A 120 31.97 7.54 -10.66
CA ASN A 120 33.24 7.80 -9.98
C ASN A 120 33.59 6.60 -9.11
N ASN A 121 34.85 6.55 -8.67
CA ASN A 121 35.33 5.48 -7.82
C ASN A 121 35.74 6.02 -6.44
N PRO A 122 34.86 5.89 -5.45
CA PRO A 122 33.50 5.32 -5.42
C PRO A 122 32.46 6.30 -5.98
N PRO A 123 31.23 5.83 -6.23
CA PRO A 123 30.31 6.79 -6.86
C PRO A 123 29.88 7.96 -5.99
N ILE A 124 29.44 9.01 -6.66
CA ILE A 124 28.62 10.03 -6.05
C ILE A 124 27.29 9.77 -6.69
N PRO A 125 26.45 8.95 -6.02
CA PRO A 125 25.27 8.34 -6.66
C PRO A 125 24.08 9.29 -6.79
N VAL A 126 24.24 10.32 -7.61
CA VAL A 126 23.21 11.36 -7.70
C VAL A 126 21.86 10.86 -8.24
N GLY A 127 21.89 9.79 -9.03
CA GLY A 127 20.66 9.19 -9.48
C GLY A 127 19.91 8.58 -8.31
N GLU A 128 20.62 7.83 -7.47
CA GLU A 128 19.97 7.19 -6.32
C GLU A 128 19.51 8.20 -5.29
N ILE A 129 20.28 9.27 -5.10
CA ILE A 129 19.94 10.27 -4.11
C ILE A 129 18.68 11.02 -4.52
N TYR A 130 18.65 11.48 -5.78
CA TYR A 130 17.47 12.16 -6.29
C TYR A 130 16.25 11.24 -6.24
N LYS A 131 16.45 9.96 -6.52
CA LYS A 131 15.38 8.96 -6.48
C LYS A 131 14.78 8.84 -5.08
N ARG A 132 15.63 8.79 -4.05
CA ARG A 132 15.15 8.88 -2.67
C ARG A 132 14.30 10.14 -2.40
N TRP A 133 14.71 11.30 -2.89
CA TRP A 133 13.90 12.51 -2.65
C TRP A 133 12.50 12.35 -3.26
N ILE A 134 12.46 11.84 -4.49
CA ILE A 134 11.21 11.64 -5.21
C ILE A 134 10.33 10.67 -4.44
N ILE A 135 10.92 9.57 -4.00
CA ILE A 135 10.19 8.60 -3.15
C ILE A 135 9.63 9.18 -1.84
N LEU A 136 10.41 10.04 -1.18
CA LEU A 136 9.91 10.77 -0.01
C LEU A 136 8.66 11.54 -0.40
N GLY A 137 8.72 12.18 -1.57
CA GLY A 137 7.61 12.94 -2.10
C GLY A 137 6.39 12.08 -2.38
N LEU A 138 6.60 10.94 -3.01
CA LEU A 138 5.52 10.04 -3.37
C LEU A 138 4.81 9.49 -2.13
N ASN A 139 5.59 9.16 -1.10
CA ASN A 139 5.02 8.70 0.15
C ASN A 139 4.13 9.76 0.78
N LYS A 140 4.58 11.01 0.73
CA LYS A 140 3.78 12.12 1.25
C LYS A 140 2.50 12.29 0.44
N ILE A 141 2.59 12.06 -0.86
CA ILE A 141 1.41 12.17 -1.71
C ILE A 141 0.37 11.09 -1.37
N VAL A 142 0.79 9.83 -1.35
CA VAL A 142 -0.15 8.77 -1.02
C VAL A 142 -0.75 8.98 0.37
N ARG A 143 0.11 9.28 1.34
CA ARG A 143 -0.38 9.49 2.70
C ARG A 143 -1.37 10.63 2.80
N MET A 144 -1.19 11.69 2.01
CA MET A 144 -2.15 12.79 2.04
C MET A 144 -3.49 12.49 1.36
N TYR A 145 -3.44 11.85 0.20
CA TYR A 145 -4.66 11.70 -0.62
C TYR A 145 -5.48 10.47 -0.23
N SER A 146 -4.82 9.48 0.36
CA SER A 146 -5.47 8.21 0.66
C SER A 146 -6.53 8.36 1.76
N PRO A 147 -7.72 7.76 1.57
CA PRO A 147 -8.70 7.81 2.67
C PRO A 147 -8.11 7.17 3.93
N THR A 148 -7.09 6.35 3.73
CA THR A 148 -6.35 5.72 4.82
C THR A 148 -5.78 6.72 5.85
N SER A 149 -5.47 7.95 5.44
CA SER A 149 -4.77 8.90 6.33
C SER A 149 -5.52 9.31 7.61
N ILE A 150 -6.83 9.43 7.52
CA ILE A 150 -7.67 9.84 8.63
C ILE A 150 -7.79 8.77 9.72
N LEU A 151 -7.57 7.51 9.34
CA LEU A 151 -7.81 6.39 10.25
C LEU A 151 -6.94 6.43 11.50
N ASP A 152 -5.74 6.97 11.37
CA ASP A 152 -4.85 7.04 12.52
C ASP A 152 -4.90 8.41 13.20
N ILE A 153 -5.84 9.26 12.81
CA ILE A 153 -6.08 10.50 13.55
C ILE A 153 -6.93 10.16 14.79
N ARG A 154 -6.25 10.14 15.93
CA ARG A 154 -6.87 9.77 17.19
C ARG A 154 -6.69 10.89 18.20
N GLN A 155 -7.78 11.25 18.89
CA GLN A 155 -7.71 12.24 19.96
C GLN A 155 -6.77 11.76 21.06
N GLY A 156 -5.85 12.64 21.47
CA GLY A 156 -4.94 12.34 22.56
C GLY A 156 -5.66 12.29 23.90
N PRO A 157 -5.10 11.54 24.86
CA PRO A 157 -5.72 11.44 26.18
C PRO A 157 -5.95 12.80 26.87
N LYS A 158 -5.11 13.80 26.58
CA LYS A 158 -5.31 15.14 27.13
C LYS A 158 -5.58 16.22 26.07
N GLU A 159 -5.90 15.80 24.85
CA GLU A 159 -6.10 16.77 23.77
C GLU A 159 -7.46 17.42 23.82
N PRO A 160 -7.50 18.77 23.85
CA PRO A 160 -8.82 19.39 23.77
C PRO A 160 -9.55 18.89 22.53
N PHE A 161 -10.83 18.57 22.69
CA PHE A 161 -11.62 17.98 21.61
C PHE A 161 -11.72 18.93 20.40
N ARG A 162 -11.72 20.24 20.64
CA ARG A 162 -11.76 21.20 19.52
C ARG A 162 -10.49 21.10 18.62
N ASP A 163 -9.36 20.79 19.24
CA ASP A 163 -8.10 20.63 18.52
C ASP A 163 -8.11 19.34 17.70
N TYR A 164 -8.67 18.29 18.30
CA TYR A 164 -8.79 17.00 17.62
C TYR A 164 -9.69 17.15 16.38
N VAL A 165 -10.85 17.77 16.57
CA VAL A 165 -11.77 18.09 15.48
C VAL A 165 -11.06 18.82 14.32
N ASP A 166 -10.30 19.87 14.65
CA ASP A 166 -9.53 20.59 13.65
C ASP A 166 -8.59 19.68 12.85
N ARG A 167 -7.76 18.90 13.57
CA ARG A 167 -6.83 17.97 12.93
C ARG A 167 -7.59 17.02 12.01
N PHE A 168 -8.67 16.47 12.55
CA PHE A 168 -9.48 15.49 11.85
C PHE A 168 -9.97 16.06 10.52
N TYR A 169 -10.62 17.21 10.60
CA TYR A 169 -11.17 17.87 9.42
C TYR A 169 -10.12 18.35 8.42
N LYS A 170 -8.97 18.79 8.93
CA LYS A 170 -7.88 19.20 8.04
C LYS A 170 -7.39 18.02 7.22
N THR A 171 -7.20 16.90 7.91
CA THR A 171 -6.79 15.66 7.27
C THR A 171 -7.82 15.21 6.26
N LEU A 172 -9.08 15.24 6.69
CA LEU A 172 -10.21 14.93 5.84
C LEU A 172 -10.24 15.74 4.55
N ARG A 173 -10.15 17.07 4.69
CA ARG A 173 -10.25 17.93 3.52
CA ARG A 173 -10.21 17.99 3.55
C ARG A 173 -9.15 17.68 2.48
N ALA A 174 -7.97 17.26 2.94
CA ALA A 174 -6.82 17.05 2.03
C ALA A 174 -6.85 15.70 1.31
N GLU A 175 -7.76 14.84 1.71
CA GLU A 175 -7.84 13.53 1.09
C GLU A 175 -8.58 13.59 -0.23
N GLN A 176 -8.26 12.66 -1.11
CA GLN A 176 -9.07 12.41 -2.29
C GLN A 176 -9.91 11.16 -2.06
N ALA A 177 -11.11 11.38 -1.51
CA ALA A 177 -12.04 10.30 -1.23
C ALA A 177 -13.44 10.72 -1.67
N SER A 178 -14.28 9.74 -1.95
CA SER A 178 -15.67 9.99 -2.33
C SER A 178 -16.40 10.63 -1.16
N GLN A 179 -17.53 11.27 -1.46
CA GLN A 179 -18.35 11.92 -0.44
C GLN A 179 -18.98 10.94 0.53
N GLU A 180 -19.40 9.77 0.06
CA GLU A 180 -20.00 8.81 0.97
C GLU A 180 -18.97 8.30 1.97
N VAL A 181 -17.70 8.23 1.57
CA VAL A 181 -16.68 7.79 2.51
C VAL A 181 -16.43 8.92 3.52
N LYS A 182 -16.49 10.14 3.04
CA LYS A 182 -16.22 11.27 3.91
C LYS A 182 -17.38 11.47 4.88
N ASN A 183 -18.59 11.17 4.43
CA ASN A 183 -19.76 11.24 5.30
C ASN A 183 -19.63 10.27 6.46
N TRP A 184 -19.16 9.05 6.18
CA TRP A 184 -18.91 8.11 7.26
C TRP A 184 -17.83 8.64 8.22
N MET A 185 -16.82 9.29 7.66
CA MET A 185 -15.76 9.85 8.49
C MET A 185 -16.28 10.87 9.49
N THR A 186 -17.15 11.78 9.05
CA THR A 186 -17.62 12.85 9.91
C THR A 186 -18.66 12.35 10.88
N GLU A 187 -19.56 11.50 10.41
CA GLU A 187 -20.68 11.02 11.24
C GLU A 187 -20.29 9.86 12.17
N THR A 188 -19.33 9.03 11.79
CA THR A 188 -18.98 7.95 12.73
C THR A 188 -17.53 7.84 13.18
N LEU A 189 -16.56 8.01 12.28
CA LEU A 189 -15.15 7.87 12.66
C LEU A 189 -14.68 8.90 13.69
N LEU A 190 -15.13 10.14 13.56
CA LEU A 190 -14.76 11.18 14.51
C LEU A 190 -15.04 10.75 15.96
N VAL A 191 -16.23 10.21 16.21
CA VAL A 191 -16.56 9.70 17.53
C VAL A 191 -15.78 8.40 17.80
N GLN A 192 -15.76 7.51 16.82
CA GLN A 192 -15.00 6.28 16.90
C GLN A 192 -13.59 6.54 17.42
N ASN A 193 -12.95 7.59 16.91
CA ASN A 193 -11.55 7.90 17.23
C ASN A 193 -11.33 8.92 18.36
N ALA A 194 -12.40 9.32 19.04
CA ALA A 194 -12.26 10.19 20.22
C ALA A 194 -11.62 9.38 21.35
N ASN A 195 -11.03 10.07 22.32
CA ASN A 195 -10.45 9.35 23.46
C ASN A 195 -11.51 8.66 24.32
N PRO A 196 -11.09 7.74 25.19
CA PRO A 196 -12.02 6.94 25.98
C PRO A 196 -13.07 7.75 26.73
N ASP A 197 -12.65 8.88 27.31
CA ASP A 197 -13.54 9.66 28.16
C ASP A 197 -14.50 10.52 27.35
N CYS A 198 -14.06 11.01 26.20
CA CYS A 198 -14.91 11.84 25.38
C CYS A 198 -15.91 10.97 24.62
N LYS A 199 -15.44 9.84 24.12
CA LYS A 199 -16.28 8.90 23.37
C LYS A 199 -17.49 8.49 24.19
N THR A 200 -17.26 8.24 25.47
CA THR A 200 -18.32 7.79 26.38
C THR A 200 -19.36 8.88 26.55
N ILE A 201 -18.91 10.13 26.53
CA ILE A 201 -19.82 11.26 26.65
C ILE A 201 -20.57 11.45 25.35
N LEU A 202 -19.85 11.34 24.25
CA LEU A 202 -20.40 11.54 22.92
C LEU A 202 -21.44 10.49 22.61
N LYS A 203 -21.20 9.28 23.09
CA LYS A 203 -22.07 8.15 22.77
C LYS A 203 -23.34 8.19 23.61
N ALA A 204 -23.34 9.04 24.64
CA ALA A 204 -24.51 9.23 25.48
C ALA A 204 -25.33 10.48 25.09
N LEU A 205 -25.01 11.07 23.93
CA LEU A 205 -25.80 12.18 23.42
C LEU A 205 -26.99 11.64 22.65
N GLY A 206 -27.86 12.53 22.21
CA GLY A 206 -29.05 12.13 21.48
C GLY A 206 -28.79 11.64 20.07
N PRO A 207 -29.87 11.40 19.31
CA PRO A 207 -29.83 10.91 17.94
C PRO A 207 -29.23 11.93 16.98
N ALA A 208 -29.46 13.22 17.22
CA ALA A 208 -29.10 14.22 16.24
C ALA A 208 -28.11 15.28 16.74
N ALA A 209 -27.19 14.89 17.61
CA ALA A 209 -26.22 15.81 18.16
C ALA A 209 -25.43 16.52 17.06
N THR A 210 -25.38 17.86 17.14
CA THR A 210 -24.59 18.65 16.21
C THR A 210 -23.13 18.68 16.68
N LEU A 211 -22.21 18.91 15.75
CA LEU A 211 -20.79 18.99 16.09
C LEU A 211 -20.53 20.03 17.18
N GLU A 212 -21.24 21.15 17.12
CA GLU A 212 -21.11 22.18 18.15
C GLU A 212 -21.55 21.63 19.50
N GLU A 213 -22.62 20.82 19.49
CA GLU A 213 -23.07 20.16 20.72
C GLU A 213 -22.02 19.19 21.23
N MET A 214 -21.42 18.45 20.31
CA MET A 214 -20.31 17.56 20.65
C MET A 214 -19.14 18.29 21.32
N MET A 215 -18.72 19.40 20.74
CA MET A 215 -17.64 20.19 21.34
C MET A 215 -18.01 20.70 22.72
N THR A 216 -19.22 21.23 22.86
CA THR A 216 -19.74 21.64 24.17
C THR A 216 -19.69 20.47 25.16
N ALA A 217 -20.18 19.31 24.74
CA ALA A 217 -20.19 18.13 25.59
C ALA A 217 -18.80 17.64 26.04
N CYS A 218 -17.81 17.72 25.15
CA CYS A 218 -16.49 17.18 25.50
C CYS A 218 -15.50 18.22 25.99
N GLN A 219 -15.92 19.47 26.15
CA GLN A 219 -15.01 20.53 26.58
C GLN A 219 -14.38 20.23 27.95
N GLY A 220 -13.05 20.22 28.02
CA GLY A 220 -12.36 19.91 29.25
C GLY A 220 -12.66 18.51 29.76
N VAL A 221 -12.26 17.51 28.98
CA VAL A 221 -12.52 16.11 29.32
C VAL A 221 -11.24 15.38 29.72
N PRO B 1 -22.93 -4.02 14.98
CA PRO B 1 -22.25 -3.85 16.26
C PRO B 1 -23.10 -4.29 17.46
N ILE B 2 -22.61 -4.00 18.66
CA ILE B 2 -23.28 -4.34 19.91
C ILE B 2 -23.43 -3.13 20.83
N VAL B 3 -24.60 -2.97 21.45
CA VAL B 3 -24.81 -1.89 22.42
C VAL B 3 -25.44 -2.44 23.68
N GLN B 4 -25.07 -1.86 24.82
CA GLN B 4 -25.68 -2.27 26.09
C GLN B 4 -26.94 -1.44 26.37
N ASN B 5 -28.07 -2.11 26.61
CA ASN B 5 -29.28 -1.38 26.98
C ASN B 5 -29.30 -1.08 28.48
N ILE B 6 -30.37 -0.46 28.97
CA ILE B 6 -30.45 -0.10 30.39
C ILE B 6 -30.71 -1.29 31.32
N GLN B 7 -31.11 -2.42 30.76
CA GLN B 7 -31.27 -3.65 31.56
C GLN B 7 -29.90 -4.29 31.82
N GLY B 8 -28.92 -3.88 31.03
CA GLY B 8 -27.59 -4.45 31.10
C GLY B 8 -27.34 -5.45 29.98
N GLN B 9 -28.41 -5.81 29.28
CA GLN B 9 -28.31 -6.78 28.20
C GLN B 9 -27.54 -6.21 27.00
N MET B 10 -26.68 -7.04 26.41
CA MET B 10 -25.96 -6.67 25.20
C MET B 10 -26.80 -6.98 23.97
N VAL B 11 -27.13 -5.94 23.20
CA VAL B 11 -28.06 -6.09 22.10
C VAL B 11 -27.43 -5.67 20.79
N HIS B 12 -28.00 -6.10 19.67
CA HIS B 12 -27.48 -5.76 18.37
C HIS B 12 -27.76 -4.31 17.97
N GLN B 13 -26.76 -3.68 17.36
CA GLN B 13 -26.97 -2.38 16.74
C GLN B 13 -26.66 -2.56 15.26
N ALA B 14 -27.64 -2.27 14.41
CA ALA B 14 -27.42 -2.41 12.97
C ALA B 14 -26.30 -1.49 12.52
N ILE B 15 -25.53 -1.94 11.55
CA ILE B 15 -24.53 -1.08 10.93
C ILE B 15 -25.29 -0.07 10.08
N SER B 16 -25.03 1.20 10.30
CA SER B 16 -25.73 2.27 9.58
C SER B 16 -25.60 2.09 8.08
N PRO B 17 -26.69 2.35 7.34
CA PRO B 17 -26.68 2.22 5.88
C PRO B 17 -25.68 3.17 5.26
N ARG B 18 -25.29 4.20 6.00
CA ARG B 18 -24.29 5.14 5.51
C ARG B 18 -22.89 4.55 5.68
N THR B 19 -22.73 3.66 6.65
CA THR B 19 -21.49 2.94 6.80
C THR B 19 -21.38 1.88 5.70
N LEU B 20 -22.52 1.26 5.35
CA LEU B 20 -22.54 0.32 4.25
C LEU B 20 -22.32 1.02 2.92
N ASN B 21 -22.97 2.17 2.75
CA ASN B 21 -22.79 2.98 1.56
C ASN B 21 -21.31 3.31 1.35
N ALA B 22 -20.64 3.70 2.43
CA ALA B 22 -19.20 4.02 2.38
C ALA B 22 -18.36 2.80 2.01
N TRP B 23 -18.72 1.63 2.53
CA TRP B 23 -17.99 0.41 2.19
C TRP B 23 -18.12 0.02 0.71
N VAL B 24 -19.33 0.09 0.16
CA VAL B 24 -19.50 -0.24 -1.25
C VAL B 24 -18.69 0.71 -2.14
N LYS B 25 -18.63 1.98 -1.73
CA LYS B 25 -17.94 2.98 -2.54
C LYS B 25 -16.44 2.74 -2.55
N VAL B 26 -15.87 2.45 -1.38
CA VAL B 26 -14.47 2.13 -1.23
C VAL B 26 -14.08 0.97 -2.14
N VAL B 27 -14.95 -0.02 -2.22
CA VAL B 27 -14.73 -1.19 -3.06
C VAL B 27 -14.83 -0.84 -4.55
N GLU B 28 -15.87 -0.09 -4.90
CA GLU B 28 -16.03 0.35 -6.28
C GLU B 28 -14.80 1.12 -6.75
N GLU B 29 -14.25 1.95 -5.87
CA GLU B 29 -13.12 2.84 -6.23
C GLU B 29 -11.74 2.20 -6.10
N LYS B 30 -11.53 1.43 -5.04
CA LYS B 30 -10.20 0.97 -4.68
C LYS B 30 -10.05 -0.55 -4.73
N ALA B 31 -11.04 -1.25 -5.26
CA ALA B 31 -10.98 -2.71 -5.26
C ALA B 31 -9.60 -3.22 -5.69
N PHE B 32 -9.09 -4.17 -4.92
CA PHE B 32 -7.79 -4.80 -5.18
C PHE B 32 -6.59 -3.93 -4.84
N SER B 33 -6.82 -2.73 -4.30
CA SER B 33 -5.74 -1.90 -3.74
C SER B 33 -5.57 -2.28 -2.28
N PRO B 34 -4.33 -2.22 -1.76
CA PRO B 34 -4.12 -2.60 -0.35
C PRO B 34 -4.88 -1.65 0.60
N GLU B 35 -5.26 -0.47 0.11
CA GLU B 35 -5.97 0.50 0.95
C GLU B 35 -7.32 -0.03 1.43
N VAL B 36 -7.86 -1.01 0.71
CA VAL B 36 -9.15 -1.62 1.07
C VAL B 36 -9.15 -2.22 2.48
N ILE B 37 -8.02 -2.82 2.87
CA ILE B 37 -7.98 -3.57 4.14
C ILE B 37 -8.13 -2.66 5.36
N PRO B 38 -7.29 -1.62 5.48
CA PRO B 38 -7.53 -0.72 6.63
C PRO B 38 -8.92 -0.10 6.60
N MET B 39 -9.40 0.32 5.42
CA MET B 39 -10.74 0.89 5.37
C MET B 39 -11.77 -0.12 5.88
N PHE B 40 -11.67 -1.37 5.41
CA PHE B 40 -12.61 -2.42 5.83
C PHE B 40 -12.58 -2.59 7.35
N SER B 41 -11.38 -2.59 7.93
CA SER B 41 -11.20 -2.82 9.34
C SER B 41 -11.81 -1.69 10.18
N ALA B 42 -11.69 -0.46 9.69
CA ALA B 42 -12.29 0.71 10.32
C ALA B 42 -13.81 0.75 10.13
N LEU B 43 -14.26 0.48 8.91
CA LEU B 43 -15.68 0.46 8.64
C LEU B 43 -16.36 -0.55 9.56
N SER B 44 -15.70 -1.69 9.78
CA SER B 44 -16.34 -2.81 10.52
C SER B 44 -16.08 -2.84 12.04
N GLU B 45 -15.71 -1.69 12.61
CA GLU B 45 -15.46 -1.57 14.03
C GLU B 45 -16.62 -2.13 14.86
N GLY B 46 -16.33 -3.10 15.72
CA GLY B 46 -17.32 -3.69 16.61
C GLY B 46 -18.27 -4.71 16.00
N ALA B 47 -17.97 -5.13 14.78
CA ALA B 47 -18.85 -6.01 14.02
C ALA B 47 -19.01 -7.38 14.66
N THR B 48 -20.24 -7.88 14.72
CA THR B 48 -20.47 -9.31 14.89
C THR B 48 -20.19 -9.97 13.53
N PRO B 49 -20.02 -11.31 13.53
CA PRO B 49 -19.89 -12.01 12.25
C PRO B 49 -21.04 -11.75 11.29
N GLN B 50 -22.28 -11.68 11.78
CA GLN B 50 -23.38 -11.34 10.88
C GLN B 50 -23.16 -9.97 10.22
N ASP B 51 -22.63 -9.02 10.97
CA ASP B 51 -22.36 -7.69 10.41
C ASP B 51 -21.35 -7.80 9.29
N LEU B 52 -20.28 -8.54 9.54
CA LEU B 52 -19.27 -8.77 8.53
C LEU B 52 -19.86 -9.36 7.23
N ASN B 53 -20.77 -10.32 7.37
CA ASN B 53 -21.43 -10.91 6.22
C ASN B 53 -22.38 -9.96 5.50
N THR B 54 -23.04 -9.09 6.26
CA THR B 54 -23.85 -8.04 5.66
C THR B 54 -22.96 -7.18 4.76
N MET B 55 -21.80 -6.80 5.28
CA MET B 55 -20.85 -6.03 4.50
C MET B 55 -20.40 -6.79 3.28
N LEU B 56 -20.08 -8.07 3.44
CA LEU B 56 -19.57 -8.89 2.35
C LEU B 56 -20.53 -9.02 1.17
N ASN B 57 -21.81 -9.32 1.43
CA ASN B 57 -22.71 -9.54 0.31
C ASN B 57 -23.27 -8.23 -0.26
N THR B 58 -22.81 -7.13 0.31
CA THR B 58 -23.13 -5.82 -0.20
C THR B 58 -22.24 -5.53 -1.43
N VAL B 59 -21.08 -6.20 -1.49
CA VAL B 59 -20.24 -6.15 -2.68
C VAL B 59 -20.24 -7.52 -3.36
N GLY B 60 -21.36 -8.22 -3.22
CA GLY B 60 -21.47 -9.60 -3.71
C GLY B 60 -21.23 -9.77 -5.20
N GLY B 61 -21.28 -8.67 -5.94
CA GLY B 61 -21.09 -8.70 -7.39
C GLY B 61 -19.68 -9.07 -7.82
N HIS B 62 -18.75 -9.07 -6.88
CA HIS B 62 -17.36 -9.43 -7.17
C HIS B 62 -17.21 -10.93 -7.07
N GLN B 63 -17.88 -11.63 -7.97
CA GLN B 63 -18.01 -13.07 -7.88
C GLN B 63 -16.66 -13.74 -7.69
N ALA B 64 -15.69 -13.36 -8.50
CA ALA B 64 -14.36 -14.00 -8.45
C ALA B 64 -13.68 -13.78 -7.12
N ALA B 65 -13.65 -12.53 -6.64
CA ALA B 65 -13.08 -12.25 -5.33
C ALA B 65 -13.83 -12.97 -4.20
N MET B 66 -15.14 -13.06 -4.32
CA MET B 66 -15.94 -13.67 -3.27
C MET B 66 -15.65 -15.15 -3.08
N GLN B 67 -15.40 -15.86 -4.19
CA GLN B 67 -15.08 -17.28 -4.09
C GLN B 67 -13.71 -17.47 -3.45
N MET B 68 -12.80 -16.56 -3.74
CA MET B 68 -11.46 -16.62 -3.14
C MET B 68 -11.50 -16.33 -1.64
N LEU B 69 -12.26 -15.31 -1.25
CA LEU B 69 -12.48 -14.97 0.14
C LEU B 69 -13.03 -16.18 0.91
N LYS B 70 -13.99 -16.87 0.29
CA LYS B 70 -14.69 -17.97 0.93
C LYS B 70 -13.78 -19.17 1.11
N GLU B 71 -12.95 -19.45 0.12
CA GLU B 71 -11.98 -20.52 0.23
C GLU B 71 -10.98 -20.23 1.34
N THR B 72 -10.61 -18.97 1.49
CA THR B 72 -9.70 -18.59 2.56
C THR B 72 -10.36 -18.69 3.92
N ILE B 73 -11.59 -18.18 4.02
CA ILE B 73 -12.38 -18.35 5.25
C ILE B 73 -12.47 -19.84 5.63
N ASN B 74 -12.83 -20.70 4.68
CA ASN B 74 -12.94 -22.13 4.96
C ASN B 74 -11.66 -22.72 5.53
N GLU B 75 -10.52 -22.31 4.96
CA GLU B 75 -9.21 -22.77 5.42
C GLU B 75 -8.86 -22.32 6.85
N GLU B 76 -9.12 -21.06 7.17
CA GLU B 76 -8.88 -20.59 8.53
C GLU B 76 -9.83 -21.28 9.50
N ALA B 77 -11.09 -21.41 9.11
CA ALA B 77 -12.05 -22.13 9.95
C ALA B 77 -11.55 -23.54 10.31
N ALA B 78 -11.02 -24.27 9.34
CA ALA B 78 -10.52 -25.63 9.56
C ALA B 78 -9.31 -25.63 10.50
N GLU B 79 -8.48 -24.60 10.39
CA GLU B 79 -7.33 -24.47 11.27
C GLU B 79 -7.80 -24.19 12.69
N TRP B 80 -8.82 -23.33 12.84
CA TRP B 80 -9.45 -23.12 14.15
C TRP B 80 -9.94 -24.46 14.72
N ASP B 81 -10.68 -25.22 13.92
CA ASP B 81 -11.20 -26.50 14.39
C ASP B 81 -10.07 -27.43 14.85
N ARG B 82 -8.98 -27.42 14.10
CA ARG B 82 -7.81 -28.23 14.42
C ARG B 82 -7.27 -27.98 15.82
N VAL B 83 -7.03 -26.70 16.13
CA VAL B 83 -6.36 -26.39 17.38
C VAL B 83 -7.37 -26.16 18.54
N HIS B 84 -8.65 -26.36 18.26
CA HIS B 84 -9.68 -26.34 19.30
C HIS B 84 -10.51 -27.60 19.14
N PRO B 85 -9.95 -28.76 19.54
CA PRO B 85 -10.67 -30.02 19.34
C PRO B 85 -12.01 -30.00 20.04
N VAL B 86 -13.04 -30.53 19.40
CA VAL B 86 -14.37 -30.49 19.99
C VAL B 86 -14.41 -31.45 21.16
N HIS B 87 -15.39 -31.27 22.04
CA HIS B 87 -15.55 -32.17 23.18
C HIS B 87 -17.01 -32.38 23.58
N ALA B 88 -17.54 -33.53 23.19
CA ALA B 88 -18.92 -33.90 23.52
C ALA B 88 -19.01 -34.39 24.95
N GLY B 89 -20.24 -34.52 25.45
CA GLY B 89 -20.48 -34.95 26.82
C GLY B 89 -21.80 -34.42 27.38
N PRO B 90 -21.88 -33.09 27.58
CA PRO B 90 -23.05 -32.43 28.18
C PRO B 90 -24.38 -32.92 27.63
N MET B 96 -22.87 -21.92 27.12
CA MET B 96 -22.62 -21.83 25.68
C MET B 96 -21.57 -22.81 25.19
N ARG B 97 -21.91 -23.56 24.14
CA ARG B 97 -20.94 -24.37 23.42
C ARG B 97 -19.78 -23.50 22.98
N GLU B 98 -18.57 -24.06 22.87
CA GLU B 98 -17.49 -23.28 22.27
C GLU B 98 -17.72 -23.23 20.77
N PRO B 99 -17.45 -22.08 20.16
CA PRO B 99 -17.64 -21.97 18.71
C PRO B 99 -16.69 -22.85 17.86
N ARG B 100 -17.25 -23.46 16.82
CA ARG B 100 -16.45 -24.07 15.77
C ARG B 100 -16.04 -22.96 14.76
N GLY B 101 -15.26 -23.32 13.76
CA GLY B 101 -14.87 -22.38 12.71
C GLY B 101 -16.05 -21.74 11.98
N SER B 102 -17.05 -22.55 11.67
CA SER B 102 -18.22 -22.07 10.93
C SER B 102 -19.12 -21.17 11.78
N ASP B 103 -19.02 -21.31 13.09
CA ASP B 103 -19.77 -20.45 14.00
C ASP B 103 -19.16 -19.06 14.00
N ILE B 104 -17.84 -19.02 13.89
CA ILE B 104 -17.08 -17.76 13.84
C ILE B 104 -17.35 -17.07 12.50
N ALA B 105 -17.44 -17.84 11.42
CA ALA B 105 -17.77 -17.31 10.12
C ALA B 105 -19.24 -16.91 10.03
N GLY B 106 -20.02 -17.27 11.06
CA GLY B 106 -21.42 -16.92 11.13
C GLY B 106 -22.36 -17.86 10.39
N THR B 107 -21.80 -18.92 9.80
CA THR B 107 -22.56 -19.82 8.94
C THR B 107 -23.44 -20.80 9.73
N THR B 108 -22.97 -21.19 10.90
CA THR B 108 -23.67 -22.17 11.71
C THR B 108 -24.07 -21.57 13.05
N SER B 109 -23.92 -20.26 13.21
CA SER B 109 -24.28 -19.63 14.47
C SER B 109 -25.35 -18.56 14.30
N THR B 110 -26.13 -18.35 15.35
CA THR B 110 -27.11 -17.28 15.36
C THR B 110 -26.43 -15.96 15.81
N LEU B 111 -27.06 -14.85 15.50
CA LEU B 111 -26.63 -13.53 15.99
C LEU B 111 -26.57 -13.54 17.52
N GLN B 112 -27.56 -14.16 18.14
CA GLN B 112 -27.68 -14.26 19.58
C GLN B 112 -26.47 -14.97 20.19
N GLU B 113 -26.04 -16.04 19.53
CA GLU B 113 -24.89 -16.81 19.97
C GLU B 113 -23.61 -15.99 19.78
N GLN B 114 -23.55 -15.26 18.68
CA GLN B 114 -22.41 -14.41 18.39
C GLN B 114 -22.24 -13.36 19.48
N ILE B 115 -23.32 -12.64 19.79
CA ILE B 115 -23.31 -11.68 20.88
C ILE B 115 -22.93 -12.36 22.19
N GLY B 116 -23.35 -13.60 22.37
CA GLY B 116 -23.07 -14.34 23.59
C GLY B 116 -21.61 -14.65 23.81
N TRP B 117 -20.92 -15.14 22.77
CA TRP B 117 -19.50 -15.37 22.87
C TRP B 117 -18.74 -14.08 23.09
N MET B 118 -19.11 -13.06 22.32
CA MET B 118 -18.36 -11.78 22.32
C MET B 118 -18.40 -11.09 23.68
N THR B 119 -19.46 -11.31 24.43
CA THR B 119 -19.69 -10.61 25.68
C THR B 119 -19.65 -11.54 26.89
N ASN B 120 -19.25 -12.79 26.64
CA ASN B 120 -19.13 -13.78 27.70
C ASN B 120 -17.93 -13.53 28.61
N ASN B 121 -17.79 -14.34 29.65
CA ASN B 121 -16.68 -14.24 30.58
C ASN B 121 -16.08 -15.62 30.85
N PRO B 122 -14.92 -15.94 30.23
CA PRO B 122 -14.14 -15.05 29.37
C PRO B 122 -14.77 -14.93 28.00
N PRO B 123 -14.50 -13.82 27.31
CA PRO B 123 -15.12 -13.51 26.02
C PRO B 123 -14.35 -14.21 24.91
N ILE B 124 -15.05 -14.56 23.85
CA ILE B 124 -14.44 -15.13 22.66
C ILE B 124 -14.75 -14.14 21.56
N PRO B 125 -13.75 -13.36 21.13
CA PRO B 125 -14.07 -12.26 20.22
C PRO B 125 -14.30 -12.75 18.78
N VAL B 126 -15.42 -13.41 18.55
CA VAL B 126 -15.63 -14.02 17.24
C VAL B 126 -15.72 -12.98 16.12
N GLY B 127 -16.14 -11.77 16.43
CA GLY B 127 -16.16 -10.72 15.43
C GLY B 127 -14.77 -10.38 14.94
N GLU B 128 -13.81 -10.31 15.87
CA GLU B 128 -12.45 -9.91 15.52
C GLU B 128 -11.71 -11.04 14.84
N ILE B 129 -12.02 -12.26 15.27
CA ILE B 129 -11.38 -13.43 14.66
CA ILE B 129 -11.41 -13.43 14.66
C ILE B 129 -11.78 -13.54 13.19
N TYR B 130 -13.07 -13.42 12.91
CA TYR B 130 -13.59 -13.51 11.55
C TYR B 130 -13.11 -12.36 10.66
N LYS B 131 -12.98 -11.16 11.24
CA LYS B 131 -12.47 -9.98 10.51
C LYS B 131 -11.04 -10.25 10.08
N ARG B 132 -10.24 -10.78 11.00
CA ARG B 132 -8.88 -11.22 10.66
C ARG B 132 -8.85 -12.25 9.54
N TRP B 133 -9.74 -13.26 9.59
CA TRP B 133 -9.79 -14.24 8.52
C TRP B 133 -10.14 -13.58 7.19
N ILE B 134 -11.10 -12.65 7.24
CA ILE B 134 -11.51 -11.95 6.05
C ILE B 134 -10.33 -11.09 5.52
N ILE B 135 -9.59 -10.46 6.44
CA ILE B 135 -8.40 -9.71 6.03
C ILE B 135 -7.38 -10.61 5.30
N LEU B 136 -7.20 -11.84 5.78
CA LEU B 136 -6.30 -12.78 5.11
C LEU B 136 -6.71 -13.02 3.67
N GLY B 137 -8.02 -13.15 3.45
CA GLY B 137 -8.57 -13.34 2.12
C GLY B 137 -8.36 -12.13 1.22
N LEU B 138 -8.61 -10.94 1.76
CA LEU B 138 -8.43 -9.73 0.95
C LEU B 138 -6.97 -9.53 0.60
N ASN B 139 -6.08 -9.78 1.54
CA ASN B 139 -4.65 -9.66 1.26
C ASN B 139 -4.19 -10.61 0.17
N LYS B 140 -4.66 -11.85 0.21
CA LYS B 140 -4.38 -12.81 -0.84
C LYS B 140 -4.79 -12.28 -2.22
N ILE B 141 -6.01 -11.75 -2.28
CA ILE B 141 -6.54 -11.23 -3.52
C ILE B 141 -5.69 -10.05 -4.00
N VAL B 142 -5.49 -9.07 -3.14
CA VAL B 142 -4.66 -7.88 -3.50
C VAL B 142 -3.31 -8.30 -4.06
N ARG B 143 -2.64 -9.16 -3.29
CA ARG B 143 -1.30 -9.67 -3.59
C ARG B 143 -1.25 -10.41 -4.91
N MET B 144 -2.29 -11.18 -5.21
CA MET B 144 -2.31 -11.93 -6.44
C MET B 144 -2.47 -11.00 -7.63
N TYR B 145 -3.27 -9.95 -7.46
CA TYR B 145 -3.60 -9.06 -8.57
C TYR B 145 -2.59 -7.96 -8.80
N SER B 146 -1.80 -7.65 -7.78
CA SER B 146 -0.88 -6.52 -7.80
C SER B 146 0.37 -6.76 -8.65
N PRO B 147 0.74 -5.75 -9.46
CA PRO B 147 2.01 -5.82 -10.20
C PRO B 147 3.18 -6.06 -9.26
N THR B 148 3.05 -5.67 -8.00
CA THR B 148 4.17 -5.82 -7.07
C THR B 148 4.52 -7.29 -6.85
N SER B 149 3.64 -8.20 -7.28
CA SER B 149 3.83 -9.62 -7.02
C SER B 149 5.06 -10.25 -7.73
N ILE B 150 5.46 -9.68 -8.87
CA ILE B 150 6.61 -10.18 -9.61
C ILE B 150 7.90 -9.43 -9.22
N LEU B 151 7.76 -8.20 -8.75
CA LEU B 151 8.93 -7.39 -8.43
C LEU B 151 9.81 -8.06 -7.38
N ASP B 152 9.21 -8.90 -6.56
CA ASP B 152 9.92 -9.49 -5.43
C ASP B 152 10.16 -10.97 -5.62
N ILE B 153 9.67 -11.53 -6.72
CA ILE B 153 9.94 -12.95 -6.97
C ILE B 153 11.43 -13.14 -7.15
N ARG B 154 11.93 -14.26 -6.65
CA ARG B 154 13.35 -14.58 -6.71
C ARG B 154 13.47 -16.07 -6.99
N GLN B 155 14.38 -16.44 -7.89
CA GLN B 155 14.70 -17.85 -8.08
C GLN B 155 15.41 -18.34 -6.84
N GLY B 156 14.92 -19.40 -6.23
CA GLY B 156 15.61 -19.98 -5.09
C GLY B 156 17.08 -20.24 -5.38
N PRO B 157 17.89 -20.33 -4.30
CA PRO B 157 19.33 -20.56 -4.41
C PRO B 157 19.63 -21.88 -5.10
N LYS B 158 18.77 -22.88 -4.87
CA LYS B 158 18.93 -24.20 -5.46
C LYS B 158 17.83 -24.53 -6.47
N GLU B 159 16.88 -23.61 -6.65
CA GLU B 159 15.73 -23.84 -7.53
C GLU B 159 16.12 -24.01 -9.01
N PRO B 160 15.66 -25.10 -9.65
CA PRO B 160 15.92 -25.28 -11.10
C PRO B 160 15.34 -24.11 -11.90
N PHE B 161 16.13 -23.58 -12.83
CA PHE B 161 15.75 -22.39 -13.58
C PHE B 161 14.44 -22.56 -14.34
N ARG B 162 14.26 -23.72 -14.97
CA ARG B 162 12.98 -24.01 -15.64
C ARG B 162 11.77 -24.03 -14.67
N ASP B 163 11.99 -24.41 -13.41
CA ASP B 163 10.89 -24.40 -12.44
C ASP B 163 10.56 -22.94 -12.11
N TYR B 164 11.60 -22.14 -11.93
CA TYR B 164 11.48 -20.71 -11.64
C TYR B 164 10.71 -19.99 -12.76
N VAL B 165 11.13 -20.24 -13.99
CA VAL B 165 10.46 -19.67 -15.15
C VAL B 165 8.96 -19.97 -15.10
N ASP B 166 8.61 -21.23 -14.87
CA ASP B 166 7.20 -21.59 -14.85
C ASP B 166 6.44 -20.79 -13.81
N ARG B 167 6.94 -20.79 -12.58
CA ARG B 167 6.42 -19.97 -11.49
C ARG B 167 6.31 -18.47 -11.84
N PHE B 168 7.34 -17.95 -12.51
CA PHE B 168 7.37 -16.53 -12.89
C PHE B 168 6.18 -16.17 -13.76
N TYR B 169 6.02 -16.91 -14.86
CA TYR B 169 4.94 -16.64 -15.78
C TYR B 169 3.56 -16.87 -15.16
N LYS B 170 3.45 -17.91 -14.32
CA LYS B 170 2.17 -18.20 -13.64
C LYS B 170 1.75 -17.06 -12.72
N THR B 171 2.71 -16.48 -12.02
CA THR B 171 2.48 -15.36 -11.12
C THR B 171 2.11 -14.10 -11.91
N LEU B 172 2.81 -13.91 -13.01
CA LEU B 172 2.55 -12.79 -13.91
C LEU B 172 1.16 -12.92 -14.53
N ARG B 173 0.77 -14.14 -14.87
CA ARG B 173 -0.49 -14.34 -15.57
C ARG B 173 -1.69 -14.01 -14.68
N ALA B 174 -1.52 -14.21 -13.39
CA ALA B 174 -2.61 -14.01 -12.42
C ALA B 174 -2.76 -12.56 -12.01
N GLU B 175 -1.76 -11.74 -12.35
CA GLU B 175 -1.78 -10.32 -12.03
C GLU B 175 -2.79 -9.61 -12.92
N GLN B 176 -3.46 -8.61 -12.36
CA GLN B 176 -4.23 -7.69 -13.17
C GLN B 176 -3.36 -6.45 -13.38
N ALA B 177 -2.68 -6.39 -14.51
CA ALA B 177 -1.83 -5.25 -14.83
C ALA B 177 -1.87 -4.98 -16.33
N SER B 178 -1.52 -3.77 -16.74
CA SER B 178 -1.49 -3.42 -18.15
C SER B 178 -0.52 -4.33 -18.90
N GLN B 179 -0.72 -4.47 -20.20
CA GLN B 179 0.21 -5.25 -21.02
C GLN B 179 1.59 -4.62 -21.07
N GLU B 180 1.64 -3.29 -21.11
CA GLU B 180 2.93 -2.61 -21.15
C GLU B 180 3.76 -2.92 -19.91
N VAL B 181 3.10 -2.96 -18.76
CA VAL B 181 3.81 -3.30 -17.54
C VAL B 181 4.22 -4.76 -17.52
N LYS B 182 3.33 -5.64 -17.97
CA LYS B 182 3.64 -7.05 -18.00
C LYS B 182 4.76 -7.36 -18.99
N ASN B 183 4.78 -6.65 -20.12
CA ASN B 183 5.87 -6.79 -21.08
C ASN B 183 7.21 -6.30 -20.54
N TRP B 184 7.18 -5.18 -19.81
CA TRP B 184 8.40 -4.67 -19.20
C TRP B 184 8.94 -5.67 -18.18
N MET B 185 8.04 -6.25 -17.38
CA MET B 185 8.46 -7.27 -16.40
C MET B 185 9.13 -8.48 -17.01
N THR B 186 8.60 -8.99 -18.11
CA THR B 186 9.13 -10.22 -18.66
C THR B 186 10.46 -9.96 -19.32
N GLU B 187 10.58 -8.79 -19.94
CA GLU B 187 11.80 -8.44 -20.64
C GLU B 187 12.94 -8.11 -19.67
N THR B 188 12.59 -7.69 -18.46
CA THR B 188 13.59 -7.20 -17.51
C THR B 188 13.82 -8.12 -16.30
N LEU B 189 12.74 -8.44 -15.60
CA LEU B 189 12.85 -9.04 -14.29
C LEU B 189 13.07 -10.56 -14.29
N LEU B 190 12.84 -11.23 -15.42
CA LEU B 190 13.04 -12.67 -15.43
C LEU B 190 14.50 -12.96 -15.09
N VAL B 191 15.39 -12.43 -15.92
CA VAL B 191 16.83 -12.57 -15.68
C VAL B 191 17.27 -11.81 -14.43
N GLN B 192 16.71 -10.62 -14.21
CA GLN B 192 17.10 -9.84 -13.04
C GLN B 192 16.86 -10.58 -11.71
N ASN B 193 15.77 -11.35 -11.61
CA ASN B 193 15.45 -12.01 -10.35
C ASN B 193 15.91 -13.48 -10.25
N ALA B 194 16.73 -13.90 -11.20
CA ALA B 194 17.33 -15.23 -11.14
C ALA B 194 18.41 -15.28 -10.08
N ASN B 195 18.64 -16.45 -9.52
CA ASN B 195 19.61 -16.62 -8.44
C ASN B 195 21.03 -16.23 -8.85
N PRO B 196 21.94 -16.14 -7.87
CA PRO B 196 23.32 -15.70 -8.13
C PRO B 196 23.97 -16.47 -9.26
N ASP B 197 23.99 -17.80 -9.13
CA ASP B 197 24.72 -18.67 -10.04
C ASP B 197 24.18 -18.65 -11.48
N CYS B 198 22.86 -18.47 -11.62
CA CYS B 198 22.25 -18.54 -12.94
C CYS B 198 22.36 -17.20 -13.66
N LYS B 199 22.12 -16.13 -12.91
CA LYS B 199 22.28 -14.76 -13.42
C LYS B 199 23.55 -14.64 -14.23
N THR B 200 24.68 -14.89 -13.57
CA THR B 200 25.98 -14.80 -14.19
C THR B 200 25.97 -15.47 -15.56
N ILE B 201 25.53 -16.73 -15.59
CA ILE B 201 25.43 -17.50 -16.82
C ILE B 201 24.61 -16.77 -17.89
N LEU B 202 23.46 -16.23 -17.48
CA LEU B 202 22.50 -15.63 -18.40
C LEU B 202 22.95 -14.30 -19.00
N LYS B 203 23.58 -13.46 -18.18
CA LYS B 203 24.10 -12.18 -18.67
C LYS B 203 25.19 -12.39 -19.73
N ALA B 204 26.03 -13.41 -19.53
CA ALA B 204 27.15 -13.67 -20.43
C ALA B 204 26.73 -14.16 -21.81
N LEU B 205 25.44 -14.52 -21.95
CA LEU B 205 24.90 -15.00 -23.20
C LEU B 205 24.80 -13.90 -24.26
N GLY B 206 24.51 -12.69 -23.83
CA GLY B 206 24.36 -11.57 -24.75
C GLY B 206 22.95 -11.02 -24.71
N PRO B 207 22.78 -9.78 -25.18
CA PRO B 207 21.52 -9.05 -25.04
C PRO B 207 20.43 -9.58 -25.97
N ALA B 208 20.82 -10.39 -26.94
CA ALA B 208 19.87 -10.95 -27.91
C ALA B 208 19.48 -12.38 -27.54
N ALA B 209 20.00 -12.85 -26.41
CA ALA B 209 19.69 -14.20 -25.95
C ALA B 209 18.20 -14.24 -25.60
N THR B 210 17.55 -15.37 -25.85
CA THR B 210 16.13 -15.47 -25.56
C THR B 210 15.80 -16.67 -24.67
N LEU B 211 14.52 -16.87 -24.40
CA LEU B 211 14.10 -17.80 -23.36
C LEU B 211 14.67 -19.23 -23.46
N GLU B 212 14.55 -19.87 -24.62
CA GLU B 212 14.98 -21.27 -24.72
C GLU B 212 16.49 -21.48 -24.53
N GLU B 213 17.31 -20.61 -25.11
CA GLU B 213 18.75 -20.61 -24.85
C GLU B 213 19.08 -20.35 -23.38
N MET B 214 18.28 -19.54 -22.72
CA MET B 214 18.49 -19.23 -21.31
C MET B 214 18.31 -20.47 -20.43
N MET B 215 17.24 -21.22 -20.70
CA MET B 215 16.93 -22.41 -19.93
C MET B 215 17.93 -23.54 -20.16
N THR B 216 18.40 -23.69 -21.39
CA THR B 216 19.46 -24.66 -21.66
C THR B 216 20.77 -24.27 -20.98
N ALA B 217 21.09 -22.98 -21.00
CA ALA B 217 22.32 -22.50 -20.40
C ALA B 217 22.38 -22.71 -18.88
N CYS B 218 21.24 -22.56 -18.21
CA CYS B 218 21.19 -22.77 -16.76
C CYS B 218 20.80 -24.20 -16.35
N GLN B 219 20.40 -25.03 -17.31
CA GLN B 219 20.02 -26.41 -17.01
C GLN B 219 21.13 -27.15 -16.25
N GLY B 220 20.76 -27.79 -15.15
CA GLY B 220 21.71 -28.54 -14.36
C GLY B 220 22.17 -27.81 -13.11
N VAL B 221 22.32 -26.49 -13.19
CA VAL B 221 22.79 -25.72 -12.04
C VAL B 221 21.80 -25.81 -10.88
I IOD C . -13.00 6.32 -1.84
I IOD D . 21.90 9.78 0.99
I IOD E . 2.65 -1.82 -1.68
I IOD F . 17.05 4.62 -17.37
I IOD G . -14.13 17.53 2.29
I IOD H . -2.46 14.44 24.78
I IOD I . 21.62 2.16 -2.78
I IOD J . 8.59 25.04 -3.04
I IOD K . 21.07 7.39 -1.62
I IOD L . 10.20 1.48 -2.63
I IOD M . 29.41 14.08 -2.15
I IOD N . 27.06 8.57 -0.82
I01 I3M O . 2.05 11.41 -10.07
I02 I3M O . 1.79 9.64 -7.99
I03 I3M O . 1.59 8.04 -5.75
FE FE P . 25.44 3.80 -13.01
FE FE Q . 26.95 12.04 -21.90
FE FE R . 23.23 6.86 -8.89
FE FE S . -0.48 -5.21 -2.63
FE FE T . -1.82 16.50 23.31
FE FE U . 11.34 17.82 -16.30
FE FE V . 24.28 3.92 -3.84
FE FE W . -0.66 5.35 2.92
FE FE X . 24.05 10.03 2.41
FE FE Y . 15.06 2.03 -20.19
FE FE Z . 32.39 13.86 -2.01
FE FE AA . 31.67 23.79 -4.37
FE FE BA . 27.84 11.46 -1.48
I IOD CA . -31.96 1.40 26.17
I IOD DA . -0.70 -1.23 -14.37
I IOD EA . 15.80 -23.28 -3.30
I IOD FA . -2.40 1.03 2.87
I IOD GA . -14.34 -9.77 -9.07
I01 I3M HA . -9.42 -6.07 -2.15
I02 I3M HA . -12.02 -6.61 -2.71
I03 I3M HA . -14.63 -7.38 -3.01
FE FE IA . -14.34 -23.88 0.06
FE FE JA . -15.37 -9.44 18.47
FE FE KA . 10.15 -25.84 -19.34
FE FE LA . 20.09 -8.25 -15.33
FE FE MA . -17.67 -6.44 21.76
FE FE NA . 1.82 -19.19 -17.59
FE FE OA . -3.82 -5.69 9.18
FE FE PA . -13.73 -4.41 15.75
FE FE QA . 18.20 -27.71 -13.54
FE FE RA . -12.29 -19.42 25.72
NA NA SA . -16.80 -21.97 7.27
#